data_7BIU
#
_entry.id   7BIU
#
_cell.length_a   50.810
_cell.length_b   75.540
_cell.length_c   106.570
_cell.angle_alpha   90.000
_cell.angle_beta   90.000
_cell.angle_gamma   90.000
#
_symmetry.space_group_name_H-M   'P 21 21 21'
#
loop_
_entity.id
_entity.type
_entity.pdbx_description
1 polymer 'Cytochrome c peroxidase, mitochondrial'
2 non-polymer 'HEME C'
3 water water
#
_entity_poly.entity_id   1
_entity_poly.type   'polypeptide(L)'
_entity_poly.pdbx_seq_one_letter_code
;MKPLVHVASVEKGRSYEDFQKVYNAIALKLREDDEYDNYIGYGPVLVRLAWHTSGTWDKHDNTGGSYGGTYRFKKEFNDP
SNAGLQNGFKFLEPIHKEFPWISSGDLFSLGGVTAVQEMQGPKIPWRCGRVDTPEDTTPDNGRLPDADKDADYVRTFFQR
LNMNDREVVALMGAHALGKTHLKNSGYEGPWGAANNVFTNEFYLNLLNEDWKLEKNDANNEQWDSKSGYMMLPTDYSLIQ
DPKYLSIVKEYANDQDKFFKDFSKAFEKLLENGITFPKDAPSPFIFKTLEEQGL
;
_entity_poly.pdbx_strand_id   A
#
loop_
_chem_comp.id
_chem_comp.type
_chem_comp.name
_chem_comp.formula
HEC non-polymer 'HEME C' 'C34 H34 Fe N4 O4'
#
# COMPACT_ATOMS: atom_id res chain seq x y z
N PRO A 3 11.78 -2.00 -23.50
CA PRO A 3 11.58 -1.91 -22.05
C PRO A 3 12.86 -1.46 -21.35
N LEU A 4 12.78 -0.38 -20.59
CA LEU A 4 13.79 0.15 -19.72
C LEU A 4 14.35 -0.90 -18.76
N VAL A 5 15.63 -0.85 -18.43
CA VAL A 5 16.13 -1.68 -17.31
C VAL A 5 16.54 -0.81 -16.16
N HIS A 6 16.11 -1.20 -14.95
CA HIS A 6 16.49 -0.49 -13.74
C HIS A 6 17.19 -1.48 -12.84
N VAL A 7 18.51 -1.30 -12.66
CA VAL A 7 19.24 -2.31 -11.93
C VAL A 7 19.41 -1.74 -10.49
N ALA A 8 19.01 -2.57 -9.50
CA ALA A 8 19.16 -2.16 -8.09
C ALA A 8 20.64 -1.90 -7.78
N SER A 9 20.92 -0.80 -7.12
CA SER A 9 22.27 -0.45 -6.72
C SER A 9 22.25 -0.05 -5.26
N VAL A 10 22.89 -0.87 -4.44
CA VAL A 10 22.83 -0.66 -2.99
C VAL A 10 23.44 0.70 -2.65
N GLU A 11 22.77 1.46 -1.82
CA GLU A 11 23.37 2.71 -1.34
C GLU A 11 24.73 2.44 -0.75
N LYS A 12 25.69 3.29 -1.12
CA LYS A 12 27.08 2.85 -0.97
CA LYS A 12 27.08 2.92 -0.95
C LYS A 12 27.42 2.51 0.49
N GLY A 13 27.90 1.30 0.69
CA GLY A 13 28.39 0.81 1.96
C GLY A 13 27.32 0.42 2.95
N ARG A 14 26.02 0.53 2.57
CA ARG A 14 24.97 0.27 3.50
C ARG A 14 24.63 -1.19 3.58
N SER A 15 24.08 -1.59 4.74
CA SER A 15 23.71 -2.98 4.96
C SER A 15 22.46 -3.04 5.85
N TYR A 16 22.08 -4.25 6.21
CA TYR A 16 20.81 -4.40 6.93
C TYR A 16 20.70 -3.44 8.12
N GLU A 17 21.78 -3.27 8.91
CA GLU A 17 21.76 -2.41 10.09
CA GLU A 17 21.57 -2.45 10.12
C GLU A 17 21.32 -1.00 9.75
N ASP A 18 21.82 -0.46 8.64
CA ASP A 18 21.50 0.90 8.25
C ASP A 18 19.98 1.02 7.97
N PHE A 19 19.47 0.03 7.24
CA PHE A 19 18.02 0.12 6.92
C PHE A 19 17.16 -0.17 8.11
N GLN A 20 17.64 -1.01 9.05
CA GLN A 20 16.85 -1.21 10.28
C GLN A 20 16.76 0.08 11.03
N LYS A 21 17.82 0.95 11.00
CA LYS A 21 17.74 2.22 11.68
C LYS A 21 16.69 3.13 11.02
N VAL A 22 16.59 3.09 9.71
CA VAL A 22 15.60 3.90 9.00
C VAL A 22 14.18 3.38 9.34
N TYR A 23 14.03 2.06 9.28
CA TYR A 23 12.79 1.43 9.72
C TYR A 23 12.42 1.92 11.11
N ASN A 24 13.39 1.89 12.01
CA ASN A 24 13.11 2.25 13.41
C ASN A 24 12.71 3.71 13.50
N ALA A 25 13.34 4.59 12.72
CA ALA A 25 12.96 6.00 12.83
C ALA A 25 11.54 6.18 12.34
N ILE A 26 11.18 5.51 11.26
CA ILE A 26 9.77 5.58 10.75
C ILE A 26 8.87 5.04 11.81
N ALA A 27 9.22 3.89 12.41
CA ALA A 27 8.34 3.25 13.37
C ALA A 27 8.15 4.11 14.61
N LEU A 28 9.22 4.75 15.06
CA LEU A 28 9.14 5.61 16.25
C LEU A 28 8.29 6.83 15.94
N LYS A 29 8.37 7.37 14.71
CA LYS A 29 7.57 8.54 14.36
C LYS A 29 6.10 8.13 14.25
N LEU A 30 5.84 6.89 13.76
N LEU A 30 5.88 6.89 13.80
CA LEU A 30 4.45 6.47 13.69
CA LEU A 30 4.53 6.36 13.65
C LEU A 30 3.88 6.46 15.10
C LEU A 30 3.87 6.20 15.00
N ARG A 31 4.67 5.96 16.04
CA ARG A 31 4.20 5.93 17.42
C ARG A 31 4.02 7.36 17.96
N GLU A 32 4.90 8.30 17.61
CA GLU A 32 4.89 9.63 18.21
C GLU A 32 3.76 10.47 17.67
N ASP A 33 3.56 10.44 16.34
CA ASP A 33 2.58 11.32 15.69
C ASP A 33 1.26 10.63 15.57
N ASP A 34 0.73 10.21 16.74
CA ASP A 34 -0.40 9.30 16.78
C ASP A 34 -1.70 10.01 16.50
N GLU A 35 -1.75 11.36 16.56
CA GLU A 35 -2.99 12.08 16.49
C GLU A 35 -3.51 12.15 15.06
N TYR A 36 -2.68 11.95 14.06
CA TYR A 36 -3.00 12.21 12.68
C TYR A 36 -4.29 11.52 12.27
N ASP A 37 -5.10 12.26 11.53
CA ASP A 37 -6.31 11.69 10.91
C ASP A 37 -7.17 11.13 12.04
N ASN A 38 -7.49 11.95 13.05
CA ASN A 38 -8.38 11.56 14.13
C ASN A 38 -7.90 10.26 14.81
N TYR A 39 -6.61 10.21 15.06
CA TYR A 39 -5.94 9.17 15.78
C TYR A 39 -5.88 7.82 15.08
N ILE A 40 -6.11 7.84 13.78
CA ILE A 40 -5.75 6.66 12.98
C ILE A 40 -4.24 6.50 12.94
N GLY A 41 -3.53 7.67 12.90
CA GLY A 41 -2.07 7.59 12.75
C GLY A 41 -1.68 7.49 11.29
N TYR A 42 -0.39 7.61 11.03
CA TYR A 42 0.12 7.67 9.67
C TYR A 42 0.29 6.30 9.01
N GLY A 43 0.00 5.20 9.68
CA GLY A 43 0.25 3.87 9.09
C GLY A 43 -0.44 3.72 7.76
N PRO A 44 -1.74 3.90 7.70
CA PRO A 44 -2.47 3.66 6.44
C PRO A 44 -1.98 4.55 5.32
N VAL A 45 -1.82 5.86 5.53
CA VAL A 45 -1.39 6.71 4.41
C VAL A 45 0.00 6.29 3.95
N LEU A 46 0.88 5.80 4.83
CA LEU A 46 2.17 5.34 4.33
C LEU A 46 2.08 4.06 3.52
N VAL A 47 1.15 3.18 3.88
CA VAL A 47 0.94 2.02 3.01
C VAL A 47 0.44 2.47 1.66
N ARG A 48 -0.50 3.41 1.65
CA ARG A 48 -1.04 3.88 0.37
C ARG A 48 0.05 4.57 -0.42
N LEU A 49 0.95 5.34 0.24
CA LEU A 49 2.01 6.01 -0.51
C LEU A 49 2.93 4.97 -1.14
N ALA A 50 3.27 3.92 -0.41
CA ALA A 50 4.13 2.89 -1.03
C ALA A 50 3.43 2.26 -2.25
N TRP A 51 2.12 2.01 -2.12
CA TRP A 51 1.41 1.39 -3.25
C TRP A 51 1.29 2.36 -4.40
N HIS A 52 0.95 3.62 -4.19
CA HIS A 52 0.80 4.53 -5.34
C HIS A 52 2.13 4.87 -6.01
N THR A 53 3.23 4.86 -5.22
CA THR A 53 4.52 5.15 -5.87
C THR A 53 4.99 3.93 -6.68
N SER A 54 4.50 2.74 -6.35
CA SER A 54 4.83 1.53 -7.05
C SER A 54 3.86 1.24 -8.20
N GLY A 55 2.60 1.64 -7.99
CA GLY A 55 1.48 1.20 -8.82
C GLY A 55 1.34 1.94 -10.12
N THR A 56 2.23 2.88 -10.41
CA THR A 56 2.30 3.48 -11.74
C THR A 56 3.02 2.59 -12.74
N TRP A 57 3.58 1.46 -12.27
CA TRP A 57 4.37 0.65 -13.19
C TRP A 57 3.57 0.12 -14.37
N ASP A 58 4.27 0.02 -15.49
CA ASP A 58 3.66 -0.63 -16.65
C ASP A 58 4.57 -1.76 -17.06
N LYS A 59 4.13 -3.01 -16.96
CA LYS A 59 4.99 -4.14 -17.33
C LYS A 59 5.44 -4.09 -18.79
N HIS A 60 4.65 -3.42 -19.63
CA HIS A 60 4.98 -3.50 -21.04
C HIS A 60 6.23 -2.77 -21.44
N ASP A 61 6.54 -1.65 -20.75
CA ASP A 61 7.72 -0.90 -21.12
C ASP A 61 8.54 -0.53 -19.89
N ASN A 62 8.19 -0.99 -18.72
CA ASN A 62 8.89 -0.69 -17.49
C ASN A 62 8.98 0.77 -17.18
N THR A 63 7.95 1.52 -17.58
CA THR A 63 7.82 2.89 -17.12
C THR A 63 7.17 2.93 -15.77
N GLY A 64 7.23 4.06 -15.05
CA GLY A 64 6.73 4.08 -13.72
C GLY A 64 7.46 3.14 -12.76
N GLY A 65 6.74 2.78 -11.69
CA GLY A 65 7.31 1.81 -10.74
C GLY A 65 8.00 2.51 -9.58
N SER A 66 8.33 1.70 -8.57
CA SER A 66 8.97 2.29 -7.38
C SER A 66 10.41 2.74 -7.58
N TYR A 67 11.09 2.21 -8.59
CA TYR A 67 12.54 2.43 -8.61
C TYR A 67 12.96 3.90 -8.56
N GLY A 68 12.34 4.75 -9.37
CA GLY A 68 12.89 6.08 -9.57
C GLY A 68 12.50 7.07 -8.50
N GLY A 69 11.58 6.76 -7.60
CA GLY A 69 11.22 7.71 -6.55
C GLY A 69 10.53 8.95 -7.10
N THR A 70 9.77 8.81 -8.18
CA THR A 70 9.38 10.02 -8.94
C THR A 70 8.27 10.82 -8.32
N TYR A 71 7.61 10.30 -7.28
CA TYR A 71 6.57 11.04 -6.59
C TYR A 71 7.06 12.37 -6.03
N ARG A 72 8.39 12.48 -5.86
CA ARG A 72 8.95 13.74 -5.40
C ARG A 72 8.81 14.82 -6.45
N PHE A 73 8.49 14.51 -7.69
CA PHE A 73 8.28 15.55 -8.70
C PHE A 73 6.84 15.98 -8.85
N LYS A 74 6.63 17.23 -9.16
CA LYS A 74 5.30 17.84 -9.03
CA LYS A 74 5.35 17.91 -9.16
C LYS A 74 4.30 17.15 -9.94
N LYS A 75 4.61 16.65 -11.11
CA LYS A 75 3.59 16.00 -11.95
C LYS A 75 2.96 14.86 -11.17
N GLU A 76 3.77 14.02 -10.54
CA GLU A 76 3.23 12.85 -9.81
C GLU A 76 2.67 13.25 -8.48
N PHE A 77 3.37 14.11 -7.73
N PHE A 77 3.27 14.12 -7.64
CA PHE A 77 2.89 14.64 -6.46
CA PHE A 77 2.57 14.32 -6.35
C PHE A 77 1.47 15.17 -6.58
C PHE A 77 1.30 15.13 -6.55
N ASN A 78 1.16 15.83 -7.69
CA ASN A 78 -0.11 16.50 -7.92
C ASN A 78 -1.08 15.63 -8.70
N ASP A 79 -0.78 14.37 -8.97
CA ASP A 79 -1.75 13.51 -9.63
C ASP A 79 -3.02 13.56 -8.81
N PRO A 80 -4.18 13.84 -9.37
CA PRO A 80 -5.37 13.79 -8.55
C PRO A 80 -5.56 12.42 -7.88
N SER A 81 -5.11 11.33 -8.46
CA SER A 81 -5.21 10.03 -7.77
C SER A 81 -4.37 9.97 -6.52
N ASN A 82 -3.41 10.87 -6.34
CA ASN A 82 -2.56 10.84 -5.15
C ASN A 82 -3.00 11.83 -4.10
N ALA A 83 -4.17 12.46 -4.24
CA ALA A 83 -4.57 13.47 -3.25
C ALA A 83 -4.60 12.85 -1.87
N GLY A 84 -3.93 13.50 -0.92
CA GLY A 84 -3.87 13.01 0.46
C GLY A 84 -2.46 12.46 0.73
N LEU A 85 -1.81 11.96 -0.29
CA LEU A 85 -0.49 11.33 -0.01
C LEU A 85 0.56 12.31 0.42
N GLN A 86 0.32 13.60 0.17
CA GLN A 86 1.28 14.57 0.65
C GLN A 86 1.45 14.47 2.14
N ASN A 87 0.43 14.04 2.87
CA ASN A 87 0.59 13.83 4.29
C ASN A 87 1.68 12.80 4.58
N GLY A 88 1.69 11.71 3.82
CA GLY A 88 2.74 10.68 4.04
C GLY A 88 4.10 11.19 3.63
N PHE A 89 4.13 11.94 2.52
CA PHE A 89 5.43 12.51 2.15
C PHE A 89 5.97 13.44 3.23
N LYS A 90 5.11 14.27 3.81
CA LYS A 90 5.61 15.18 4.85
CA LYS A 90 5.50 15.17 4.89
C LYS A 90 6.02 14.41 6.08
N PHE A 91 5.33 13.30 6.43
CA PHE A 91 5.83 12.47 7.54
C PHE A 91 7.24 11.96 7.24
N LEU A 92 7.49 11.58 5.99
CA LEU A 92 8.81 11.02 5.68
C LEU A 92 9.92 12.06 5.57
N GLU A 93 9.57 13.33 5.45
CA GLU A 93 10.60 14.34 5.24
C GLU A 93 11.61 14.34 6.35
N PRO A 94 11.24 14.37 7.63
CA PRO A 94 12.32 14.37 8.62
C PRO A 94 13.11 13.09 8.62
N ILE A 95 12.49 12.00 8.19
CA ILE A 95 13.24 10.72 8.11
C ILE A 95 14.30 10.87 7.05
N HIS A 96 13.92 11.43 5.89
CA HIS A 96 14.92 11.52 4.82
C HIS A 96 15.99 12.51 5.21
N LYS A 97 15.63 13.54 6.02
CA LYS A 97 16.64 14.49 6.41
C LYS A 97 17.64 13.83 7.30
N GLU A 98 17.20 12.96 8.19
CA GLU A 98 18.13 12.26 9.06
C GLU A 98 18.97 11.25 8.32
N PHE A 99 18.39 10.62 7.30
CA PHE A 99 19.05 9.57 6.55
C PHE A 99 19.11 9.94 5.10
N PRO A 100 19.90 10.97 4.73
CA PRO A 100 19.82 11.53 3.39
C PRO A 100 20.35 10.60 2.32
N TRP A 101 21.05 9.55 2.76
CA TRP A 101 21.66 8.56 1.86
C TRP A 101 20.67 7.56 1.28
N ILE A 102 19.46 7.47 1.89
CA ILE A 102 18.52 6.47 1.32
C ILE A 102 17.90 7.09 0.09
N SER A 103 17.68 6.26 -0.95
CA SER A 103 16.98 6.81 -2.13
C SER A 103 15.49 7.07 -1.82
N SER A 104 14.88 7.90 -2.65
CA SER A 104 13.45 8.19 -2.44
C SER A 104 12.61 6.96 -2.64
N GLY A 105 12.87 6.16 -3.67
CA GLY A 105 12.05 4.97 -3.83
C GLY A 105 12.24 3.99 -2.72
N ASP A 106 13.49 3.85 -2.22
CA ASP A 106 13.69 2.99 -1.08
C ASP A 106 12.93 3.53 0.12
N LEU A 107 12.92 4.83 0.35
CA LEU A 107 12.20 5.35 1.51
C LEU A 107 10.69 5.19 1.34
N PHE A 108 10.12 5.49 0.17
CA PHE A 108 8.66 5.40 0.05
C PHE A 108 8.20 3.95 0.24
N SER A 109 8.94 2.99 -0.34
CA SER A 109 8.59 1.58 -0.20
C SER A 109 8.80 1.08 1.21
N LEU A 110 9.93 1.48 1.81
CA LEU A 110 10.21 1.05 3.18
C LEU A 110 9.16 1.64 4.13
N GLY A 111 8.70 2.86 3.85
CA GLY A 111 7.60 3.43 4.68
C GLY A 111 6.40 2.49 4.73
N GLY A 112 6.06 1.89 3.58
CA GLY A 112 4.90 1.00 3.55
C GLY A 112 5.16 -0.27 4.29
N VAL A 113 6.35 -0.87 4.10
CA VAL A 113 6.71 -2.08 4.84
C VAL A 113 6.68 -1.82 6.32
N THR A 114 7.29 -0.72 6.75
CA THR A 114 7.35 -0.42 8.19
C THR A 114 5.95 -0.25 8.73
N ALA A 115 5.09 0.50 8.02
CA ALA A 115 3.74 0.70 8.48
C ALA A 115 3.00 -0.62 8.63
N VAL A 116 3.06 -1.51 7.61
CA VAL A 116 2.33 -2.77 7.74
C VAL A 116 2.81 -3.52 8.95
N GLN A 117 4.16 -3.64 9.11
CA GLN A 117 4.66 -4.47 10.24
C GLN A 117 4.33 -3.84 11.56
N GLU A 118 4.46 -2.51 11.66
CA GLU A 118 4.23 -1.89 12.98
C GLU A 118 2.74 -1.97 13.34
N MET A 119 1.87 -2.01 12.32
CA MET A 119 0.41 -2.22 12.54
C MET A 119 0.11 -3.70 12.72
N GLN A 120 1.06 -4.56 13.05
CA GLN A 120 0.88 -5.96 13.42
C GLN A 120 0.54 -6.83 12.20
N GLY A 121 0.89 -6.32 11.03
CA GLY A 121 0.72 -7.07 9.78
C GLY A 121 1.81 -8.12 9.66
N PRO A 122 1.83 -8.79 8.53
CA PRO A 122 2.88 -9.78 8.28
C PRO A 122 4.22 -9.07 8.09
N LYS A 123 5.30 -9.87 8.32
CA LYS A 123 6.59 -9.41 7.83
CA LYS A 123 6.58 -9.33 7.85
C LYS A 123 6.60 -9.29 6.31
N ILE A 124 7.19 -8.24 5.81
CA ILE A 124 7.29 -7.91 4.39
CA ILE A 124 7.32 -8.11 4.35
C ILE A 124 8.78 -7.92 4.07
N PRO A 125 9.37 -8.93 3.43
CA PRO A 125 10.78 -8.78 3.04
C PRO A 125 10.92 -7.58 2.12
N TRP A 126 12.07 -6.91 2.25
CA TRP A 126 12.25 -5.67 1.51
C TRP A 126 13.69 -5.63 1.02
N ARG A 127 13.82 -5.18 -0.21
CA ARG A 127 15.15 -5.08 -0.80
C ARG A 127 15.47 -3.63 -1.07
N CYS A 128 16.73 -3.28 -0.84
CA CYS A 128 17.19 -1.94 -1.13
C CYS A 128 17.71 -1.84 -2.56
N GLY A 129 18.01 -0.59 -2.92
CA GLY A 129 18.78 -0.35 -4.16
C GLY A 129 18.01 0.35 -5.22
N ARG A 130 16.79 0.85 -4.97
CA ARG A 130 16.14 1.76 -5.93
C ARG A 130 17.02 3.00 -6.04
N VAL A 131 17.07 3.59 -7.23
CA VAL A 131 17.93 4.76 -7.49
C VAL A 131 17.07 5.89 -8.05
N ASP A 132 17.21 7.06 -7.47
CA ASP A 132 16.43 8.17 -7.99
C ASP A 132 16.70 8.43 -9.47
N THR A 133 15.64 8.65 -10.23
CA THR A 133 15.79 8.99 -11.65
C THR A 133 15.21 10.37 -11.89
N PRO A 134 15.56 11.01 -12.99
CA PRO A 134 15.25 12.44 -13.19
C PRO A 134 13.81 12.76 -13.49
N GLU A 135 13.54 14.05 -13.43
CA GLU A 135 12.14 14.46 -13.49
C GLU A 135 11.44 13.96 -14.74
N ASP A 136 12.19 13.85 -15.83
CA ASP A 136 11.55 13.45 -17.09
C ASP A 136 11.17 11.98 -17.11
N THR A 137 11.54 11.23 -16.06
CA THR A 137 11.12 9.82 -15.99
C THR A 137 9.82 9.66 -15.22
N THR A 138 9.27 10.77 -14.78
CA THR A 138 8.04 10.68 -13.96
C THR A 138 6.93 10.20 -14.85
N PRO A 139 6.17 9.19 -14.47
CA PRO A 139 5.07 8.75 -15.34
C PRO A 139 3.95 9.77 -15.27
N ASP A 140 3.24 9.89 -16.41
CA ASP A 140 2.07 10.76 -16.46
C ASP A 140 0.99 10.28 -15.49
N ASN A 141 0.12 11.22 -15.15
CA ASN A 141 -1.04 10.86 -14.34
C ASN A 141 -1.93 9.88 -15.08
N GLY A 142 -2.73 9.17 -14.33
CA GLY A 142 -3.77 8.34 -14.92
C GLY A 142 -3.48 6.86 -14.93
N ARG A 143 -2.36 6.45 -14.32
CA ARG A 143 -2.03 5.02 -14.27
C ARG A 143 -2.54 4.34 -12.99
N LEU A 144 -3.05 5.08 -12.02
CA LEU A 144 -3.61 4.46 -10.81
C LEU A 144 -5.11 4.25 -11.02
N PRO A 145 -5.72 3.31 -10.29
CA PRO A 145 -7.04 2.86 -10.68
C PRO A 145 -8.18 3.76 -10.22
N ASP A 146 -9.26 3.69 -11.02
CA ASP A 146 -10.51 4.33 -10.61
C ASP A 146 -11.27 3.44 -9.67
N ALA A 147 -12.10 4.03 -8.81
CA ALA A 147 -12.79 3.28 -7.78
C ALA A 147 -14.24 3.00 -8.16
N ASP A 148 -14.76 3.57 -9.24
N ASP A 148 -14.73 3.60 -9.22
CA ASP A 148 -16.20 3.50 -9.46
CA ASP A 148 -16.12 3.58 -9.63
C ASP A 148 -16.55 2.30 -10.34
C ASP A 148 -16.31 2.58 -10.77
N LYS A 149 -15.64 1.44 -10.71
CA LYS A 149 -15.60 0.44 -11.72
CA LYS A 149 -15.85 0.46 -11.78
C LYS A 149 -15.95 -0.93 -11.16
N ASP A 150 -16.05 -1.89 -12.05
CA ASP A 150 -16.48 -3.23 -11.72
C ASP A 150 -15.31 -4.20 -11.78
N ALA A 151 -15.63 -5.49 -11.55
CA ALA A 151 -14.58 -6.49 -11.38
C ALA A 151 -13.82 -6.66 -12.65
N ASP A 152 -14.43 -6.55 -13.81
CA ASP A 152 -13.70 -6.68 -15.08
C ASP A 152 -12.65 -5.59 -15.19
N TYR A 153 -13.01 -4.38 -14.79
CA TYR A 153 -12.04 -3.30 -14.78
C TYR A 153 -10.90 -3.59 -13.85
N VAL A 154 -11.20 -4.06 -12.63
CA VAL A 154 -10.14 -4.33 -11.67
C VAL A 154 -9.20 -5.38 -12.21
N ARG A 155 -9.74 -6.46 -12.76
CA ARG A 155 -8.92 -7.56 -13.24
C ARG A 155 -8.02 -7.08 -14.35
N THR A 156 -8.57 -6.36 -15.34
CA THR A 156 -7.77 -5.86 -16.45
C THR A 156 -6.75 -4.85 -15.93
N PHE A 157 -7.15 -3.98 -15.00
CA PHE A 157 -6.22 -2.95 -14.53
C PHE A 157 -4.98 -3.62 -13.98
N PHE A 158 -5.18 -4.60 -13.13
CA PHE A 158 -4.03 -5.19 -12.44
C PHE A 158 -3.21 -6.09 -13.31
N GLN A 159 -3.68 -6.50 -14.48
CA GLN A 159 -2.76 -7.23 -15.40
C GLN A 159 -1.61 -6.32 -15.76
N ARG A 160 -1.79 -5.00 -15.75
CA ARG A 160 -0.67 -4.13 -16.18
C ARG A 160 0.45 -4.19 -15.14
N LEU A 161 0.08 -4.52 -13.92
CA LEU A 161 1.00 -4.65 -12.78
C LEU A 161 1.42 -6.09 -12.57
N ASN A 162 1.06 -6.95 -13.53
CA ASN A 162 1.39 -8.37 -13.48
C ASN A 162 0.85 -9.05 -12.22
N MET A 163 -0.38 -8.65 -11.86
CA MET A 163 -1.00 -9.31 -10.70
C MET A 163 -2.19 -10.17 -11.19
N ASN A 164 -2.28 -11.36 -10.61
CA ASN A 164 -3.38 -12.31 -10.92
C ASN A 164 -4.50 -12.10 -9.91
N ASP A 165 -5.55 -12.95 -10.05
CA ASP A 165 -6.73 -12.74 -9.17
C ASP A 165 -6.37 -12.83 -7.71
N ARG A 166 -5.54 -13.81 -7.39
N ARG A 166 -5.57 -13.82 -7.30
CA ARG A 166 -5.23 -13.99 -5.96
CA ARG A 166 -5.28 -13.95 -5.86
C ARG A 166 -4.44 -12.82 -5.43
C ARG A 166 -4.42 -12.79 -5.37
N GLU A 167 -3.50 -12.34 -6.22
CA GLU A 167 -2.69 -11.19 -5.80
C GLU A 167 -3.54 -9.96 -5.68
N VAL A 168 -4.46 -9.73 -6.60
CA VAL A 168 -5.37 -8.61 -6.50
C VAL A 168 -6.18 -8.67 -5.23
N VAL A 169 -6.83 -9.83 -4.98
CA VAL A 169 -7.68 -9.89 -3.81
C VAL A 169 -6.86 -9.70 -2.54
N ALA A 170 -5.65 -10.28 -2.49
CA ALA A 170 -4.81 -10.11 -1.31
C ALA A 170 -4.43 -8.67 -1.16
N LEU A 171 -3.96 -8.02 -2.22
CA LEU A 171 -3.56 -6.61 -2.06
C LEU A 171 -4.72 -5.75 -1.60
N MET A 172 -5.93 -6.06 -2.07
CA MET A 172 -7.05 -5.17 -1.68
C MET A 172 -7.33 -5.26 -0.20
N GLY A 173 -6.86 -6.30 0.49
CA GLY A 173 -7.07 -6.38 1.93
C GLY A 173 -6.42 -5.25 2.68
N ALA A 174 -5.51 -4.50 2.07
CA ALA A 174 -4.99 -3.30 2.70
C ALA A 174 -6.10 -2.27 2.91
N HIS A 175 -7.22 -2.42 2.27
CA HIS A 175 -8.37 -1.53 2.54
C HIS A 175 -9.00 -1.84 3.90
N ALA A 176 -8.44 -2.74 4.72
CA ALA A 176 -8.83 -2.68 6.14
C ALA A 176 -8.37 -1.38 6.75
N LEU A 177 -7.33 -0.80 6.20
CA LEU A 177 -6.57 0.28 6.85
C LEU A 177 -7.14 1.64 6.49
N GLY A 178 -7.14 2.57 7.46
CA GLY A 178 -7.37 3.97 7.12
C GLY A 178 -8.84 4.20 6.77
N LYS A 179 -9.04 5.12 5.84
CA LYS A 179 -10.40 5.45 5.41
C LYS A 179 -10.30 6.19 4.09
N THR A 180 -11.48 6.32 3.47
CA THR A 180 -11.66 7.29 2.38
C THR A 180 -12.02 8.62 2.99
N HIS A 181 -11.51 9.68 2.32
CA HIS A 181 -11.77 11.03 2.78
C HIS A 181 -12.42 11.77 1.63
N LEU A 182 -13.61 12.33 1.87
CA LEU A 182 -14.35 12.90 0.71
C LEU A 182 -13.55 13.92 -0.07
N LYS A 183 -12.79 14.76 0.65
CA LYS A 183 -12.06 15.82 -0.09
C LYS A 183 -10.90 15.32 -0.90
N ASN A 184 -10.40 14.11 -0.56
CA ASN A 184 -9.31 13.53 -1.31
C ASN A 184 -9.81 12.82 -2.56
N SER A 185 -10.82 11.95 -2.39
CA SER A 185 -11.15 10.99 -3.46
C SER A 185 -12.60 10.98 -3.86
N GLY A 186 -13.45 11.78 -3.15
CA GLY A 186 -14.88 11.71 -3.54
C GLY A 186 -15.56 10.55 -2.83
N TYR A 187 -14.95 9.87 -1.86
CA TYR A 187 -15.57 8.80 -1.13
C TYR A 187 -15.34 9.08 0.34
N GLU A 188 -16.23 8.60 1.19
CA GLU A 188 -16.07 8.93 2.60
C GLU A 188 -16.36 7.74 3.49
N GLY A 189 -15.43 7.45 4.41
CA GLY A 189 -15.68 6.54 5.52
C GLY A 189 -14.64 5.43 5.57
N PRO A 190 -14.56 4.78 6.71
CA PRO A 190 -13.60 3.68 6.90
C PRO A 190 -14.24 2.40 6.39
N TRP A 191 -13.44 1.36 6.15
CA TRP A 191 -13.89 0.08 5.73
C TRP A 191 -14.19 -0.85 6.90
N GLY A 192 -13.74 -0.45 8.09
CA GLY A 192 -14.00 -1.32 9.23
C GLY A 192 -13.61 -0.58 10.50
N ALA A 193 -13.63 -1.36 11.56
CA ALA A 193 -13.33 -0.78 12.89
C ALA A 193 -11.87 -0.78 13.22
N ALA A 194 -11.22 -1.87 12.82
N ALA A 194 -11.01 -1.74 12.86
CA ALA A 194 -9.79 -2.04 13.03
CA ALA A 194 -9.65 -1.53 13.45
C ALA A 194 -9.07 -1.44 11.81
C ALA A 194 -8.73 -0.86 12.43
N ASN A 195 -8.88 -0.10 11.86
N ASN A 195 -8.95 0.41 12.11
CA ASN A 195 -8.29 0.51 10.67
CA ASN A 195 -8.39 1.11 10.96
C ASN A 195 -6.90 1.10 10.95
C ASN A 195 -6.86 1.14 10.94
N ASN A 196 -6.25 0.80 12.07
CA ASN A 196 -4.78 1.01 12.13
C ASN A 196 -4.14 -0.24 12.71
N VAL A 197 -4.79 -1.38 12.62
CA VAL A 197 -4.20 -2.69 12.91
C VAL A 197 -4.46 -3.53 11.69
N PHE A 198 -3.45 -4.17 11.17
CA PHE A 198 -3.57 -4.93 9.96
C PHE A 198 -4.12 -6.31 10.24
N THR A 199 -5.34 -6.54 9.72
CA THR A 199 -6.02 -7.82 9.92
C THR A 199 -6.74 -8.15 8.61
N ASN A 200 -7.47 -9.29 8.62
CA ASN A 200 -8.26 -9.63 7.45
C ASN A 200 -9.69 -9.09 7.56
N GLU A 201 -9.92 -8.03 8.33
CA GLU A 201 -11.25 -7.49 8.52
C GLU A 201 -11.91 -7.09 7.20
N PHE A 202 -11.17 -6.67 6.22
CA PHE A 202 -11.82 -6.20 4.98
C PHE A 202 -12.67 -7.31 4.41
N TYR A 203 -12.16 -8.54 4.39
CA TYR A 203 -12.91 -9.64 3.77
C TYR A 203 -14.08 -10.03 4.65
N LEU A 204 -13.87 -10.05 5.96
N LEU A 204 -13.91 -10.07 5.97
CA LEU A 204 -14.99 -10.33 6.87
CA LEU A 204 -15.08 -10.39 6.80
C LEU A 204 -16.10 -9.34 6.67
C LEU A 204 -16.15 -9.32 6.64
N ASN A 205 -15.73 -8.06 6.58
CA ASN A 205 -16.82 -7.04 6.44
C ASN A 205 -17.50 -7.14 5.09
N LEU A 206 -16.74 -7.42 4.01
CA LEU A 206 -17.38 -7.59 2.70
C LEU A 206 -18.45 -8.67 2.81
N LEU A 207 -18.14 -9.76 3.46
CA LEU A 207 -19.08 -10.89 3.49
C LEU A 207 -20.19 -10.75 4.52
N ASN A 208 -19.90 -10.08 5.62
N ASN A 208 -19.94 -10.07 5.63
CA ASN A 208 -20.71 -10.17 6.82
CA ASN A 208 -20.87 -10.24 6.74
C ASN A 208 -21.65 -8.98 6.97
C ASN A 208 -21.61 -8.95 7.08
N GLU A 209 -21.24 -7.80 6.53
CA GLU A 209 -22.03 -6.59 6.70
C GLU A 209 -23.20 -6.59 5.75
N ASP A 210 -24.22 -5.84 6.12
CA ASP A 210 -25.37 -5.57 5.27
CA ASP A 210 -25.34 -5.65 5.17
C ASP A 210 -25.14 -4.30 4.46
N TRP A 211 -24.76 -4.43 3.21
CA TRP A 211 -24.32 -3.29 2.44
C TRP A 211 -25.49 -2.67 1.63
N LYS A 212 -25.55 -1.36 1.62
CA LYS A 212 -26.56 -0.64 0.82
CA LYS A 212 -26.58 -0.62 0.84
C LYS A 212 -25.87 0.30 -0.14
N LEU A 213 -26.31 0.34 -1.38
CA LEU A 213 -25.70 1.21 -2.35
C LEU A 213 -26.26 2.62 -2.21
N GLU A 214 -25.46 3.55 -1.76
CA GLU A 214 -25.90 4.91 -1.43
C GLU A 214 -25.09 5.91 -2.21
N LYS A 215 -25.57 7.14 -2.25
CA LYS A 215 -24.72 8.20 -2.75
C LYS A 215 -24.16 9.03 -1.62
N ASN A 216 -22.88 9.34 -1.71
CA ASN A 216 -22.25 10.17 -0.69
C ASN A 216 -22.43 11.63 -1.05
N ASP A 217 -21.84 12.54 -0.26
CA ASP A 217 -22.05 13.95 -0.43
C ASP A 217 -21.28 14.53 -1.59
N ALA A 218 -20.47 13.72 -2.23
CA ALA A 218 -19.82 14.14 -3.49
C ALA A 218 -20.62 13.61 -4.67
N ASN A 219 -21.79 13.04 -4.40
CA ASN A 219 -22.65 12.50 -5.46
C ASN A 219 -22.06 11.28 -6.17
N ASN A 220 -21.21 10.53 -5.45
CA ASN A 220 -20.72 9.26 -5.93
C ASN A 220 -21.33 8.09 -5.15
N GLU A 221 -21.55 6.99 -5.88
CA GLU A 221 -22.05 5.80 -5.21
C GLU A 221 -20.97 5.07 -4.45
N GLN A 222 -21.32 4.61 -3.26
CA GLN A 222 -20.49 3.70 -2.48
C GLN A 222 -21.45 2.82 -1.69
N TRP A 223 -20.90 1.71 -1.23
CA TRP A 223 -21.71 0.76 -0.43
C TRP A 223 -21.47 1.04 1.04
N ASP A 224 -22.53 1.22 1.79
CA ASP A 224 -22.47 1.58 3.18
C ASP A 224 -23.14 0.56 4.06
N SER A 225 -22.62 0.39 5.25
CA SER A 225 -23.27 -0.47 6.25
C SER A 225 -23.72 0.33 7.46
N LYS A 226 -24.69 -0.24 8.17
CA LYS A 226 -25.20 0.50 9.33
C LYS A 226 -24.18 0.53 10.47
N SER A 227 -23.11 -0.25 10.38
CA SER A 227 -22.02 -0.12 11.34
C SER A 227 -21.16 1.13 11.07
N GLY A 228 -21.41 1.81 9.96
CA GLY A 228 -20.69 3.03 9.56
C GLY A 228 -19.43 2.73 8.77
N TYR A 229 -19.46 1.57 8.11
CA TYR A 229 -18.38 1.22 7.17
C TYR A 229 -18.81 1.45 5.73
N MET A 230 -17.82 1.51 4.85
CA MET A 230 -18.08 1.65 3.42
C MET A 230 -17.16 0.69 2.66
N MET A 231 -17.60 0.44 1.42
CA MET A 231 -16.83 -0.23 0.39
C MET A 231 -16.95 0.59 -0.86
N LEU A 232 -15.82 0.74 -1.56
CA LEU A 232 -15.86 1.33 -2.88
C LEU A 232 -16.54 0.38 -3.87
N PRO A 233 -17.06 0.88 -4.97
CA PRO A 233 -17.52 -0.08 -6.02
C PRO A 233 -16.45 -1.11 -6.40
N THR A 234 -15.19 -0.72 -6.50
CA THR A 234 -14.18 -1.74 -6.83
C THR A 234 -13.94 -2.74 -5.72
N ASP A 235 -14.12 -2.32 -4.47
CA ASP A 235 -14.06 -3.27 -3.35
C ASP A 235 -15.18 -4.28 -3.44
N TYR A 236 -16.41 -3.73 -3.63
CA TYR A 236 -17.60 -4.59 -3.66
C TYR A 236 -17.58 -5.51 -4.85
N SER A 237 -16.82 -5.15 -5.91
CA SER A 237 -16.74 -6.01 -7.07
C SER A 237 -16.13 -7.35 -6.70
N LEU A 238 -15.33 -7.39 -5.64
CA LEU A 238 -14.70 -8.65 -5.24
C LEU A 238 -15.67 -9.68 -4.74
N ILE A 239 -16.90 -9.26 -4.38
CA ILE A 239 -17.91 -10.27 -4.02
C ILE A 239 -18.96 -10.40 -5.11
N GLN A 240 -18.90 -9.59 -6.17
CA GLN A 240 -19.83 -9.73 -7.30
C GLN A 240 -19.27 -10.71 -8.30
N ASP A 241 -17.96 -10.78 -8.44
CA ASP A 241 -17.34 -11.67 -9.41
C ASP A 241 -17.10 -13.00 -8.74
N PRO A 242 -17.52 -14.13 -9.32
CA PRO A 242 -17.46 -15.39 -8.58
C PRO A 242 -16.03 -15.86 -8.31
N LYS A 243 -15.09 -15.49 -9.17
CA LYS A 243 -13.69 -15.92 -8.93
C LYS A 243 -13.10 -15.12 -7.77
N TYR A 244 -13.35 -13.80 -7.78
CA TYR A 244 -12.85 -13.04 -6.62
C TYR A 244 -13.57 -13.46 -5.37
N LEU A 245 -14.87 -13.76 -5.46
CA LEU A 245 -15.56 -14.09 -4.20
C LEU A 245 -14.98 -15.28 -3.52
N SER A 246 -14.56 -16.33 -4.27
CA SER A 246 -13.98 -17.50 -3.65
CA SER A 246 -14.07 -17.48 -3.52
C SER A 246 -12.78 -17.12 -2.80
N ILE A 247 -11.97 -16.20 -3.37
CA ILE A 247 -10.73 -15.83 -2.68
C ILE A 247 -11.02 -14.94 -1.49
N VAL A 248 -11.99 -14.04 -1.62
CA VAL A 248 -12.42 -13.28 -0.44
C VAL A 248 -12.81 -14.20 0.67
N LYS A 249 -13.60 -15.26 0.37
CA LYS A 249 -14.00 -16.19 1.43
C LYS A 249 -12.81 -16.89 2.03
N GLU A 250 -11.81 -17.23 1.18
CA GLU A 250 -10.64 -17.91 1.71
CA GLU A 250 -10.62 -17.91 1.69
C GLU A 250 -9.91 -17.03 2.71
N TYR A 251 -9.71 -15.76 2.35
CA TYR A 251 -8.98 -14.87 3.27
C TYR A 251 -9.83 -14.50 4.47
N ALA A 252 -11.14 -14.44 4.36
CA ALA A 252 -11.97 -14.18 5.52
C ALA A 252 -11.89 -15.34 6.52
N ASN A 253 -11.48 -16.52 6.02
CA ASN A 253 -11.48 -17.72 6.86
C ASN A 253 -10.06 -18.20 7.20
N ASP A 254 -9.04 -17.43 6.82
CA ASP A 254 -7.68 -17.91 7.13
C ASP A 254 -6.75 -16.71 7.20
N GLN A 255 -6.61 -16.22 8.43
CA GLN A 255 -5.77 -15.06 8.69
CA GLN A 255 -5.78 -15.04 8.64
C GLN A 255 -4.33 -15.28 8.25
N ASP A 256 -3.80 -16.45 8.54
CA ASP A 256 -2.37 -16.67 8.17
C ASP A 256 -2.19 -16.73 6.67
N LYS A 257 -3.11 -17.37 5.97
N LYS A 257 -3.11 -17.35 5.95
CA LYS A 257 -3.08 -17.40 4.52
CA LYS A 257 -2.94 -17.36 4.49
C LYS A 257 -3.07 -15.99 3.92
C LYS A 257 -3.05 -15.96 3.91
N PHE A 258 -3.96 -15.16 4.42
CA PHE A 258 -3.99 -13.76 3.93
C PHE A 258 -2.67 -13.09 4.22
N PHE A 259 -2.14 -13.24 5.43
CA PHE A 259 -0.87 -12.59 5.75
C PHE A 259 0.20 -13.05 4.80
N LYS A 260 0.32 -14.34 4.55
CA LYS A 260 1.42 -14.82 3.71
C LYS A 260 1.21 -14.33 2.27
N ASP A 261 0.01 -14.36 1.77
CA ASP A 261 -0.22 -13.97 0.39
C ASP A 261 -0.08 -12.44 0.23
N PHE A 262 -0.57 -11.66 1.23
CA PHE A 262 -0.37 -10.25 1.14
C PHE A 262 1.09 -9.88 1.13
N SER A 263 1.85 -10.55 2.03
CA SER A 263 3.30 -10.23 2.09
C SER A 263 3.96 -10.42 0.75
N LYS A 264 3.68 -11.57 0.12
CA LYS A 264 4.28 -11.85 -1.19
C LYS A 264 3.85 -10.82 -2.24
N ALA A 265 2.56 -10.53 -2.28
CA ALA A 265 2.08 -9.62 -3.33
C ALA A 265 2.57 -8.22 -3.11
N PHE A 266 2.64 -7.82 -1.83
CA PHE A 266 3.08 -6.42 -1.56
C PHE A 266 4.56 -6.28 -1.86
N GLU A 267 5.37 -7.27 -1.46
CA GLU A 267 6.79 -7.18 -1.89
C GLU A 267 6.89 -7.12 -3.38
N LYS A 268 6.13 -7.99 -4.07
CA LYS A 268 6.23 -8.00 -5.56
C LYS A 268 5.81 -6.66 -6.11
N LEU A 269 4.72 -6.07 -5.60
CA LEU A 269 4.30 -4.76 -6.06
C LEU A 269 5.46 -3.77 -5.90
N LEU A 270 6.12 -3.80 -4.75
CA LEU A 270 7.16 -2.82 -4.45
C LEU A 270 8.43 -3.11 -5.24
N GLU A 271 8.55 -4.29 -5.83
CA GLU A 271 9.78 -4.65 -6.56
C GLU A 271 9.57 -4.66 -8.05
N ASN A 272 8.32 -4.55 -8.53
CA ASN A 272 8.10 -4.60 -9.97
C ASN A 272 8.97 -3.58 -10.69
N GLY A 273 9.56 -4.03 -11.77
CA GLY A 273 10.38 -3.12 -12.58
C GLY A 273 11.85 -3.17 -12.23
N ILE A 274 12.22 -3.75 -11.12
CA ILE A 274 13.59 -3.70 -10.68
C ILE A 274 14.32 -4.99 -11.00
N THR A 275 15.50 -4.86 -11.56
CA THR A 275 16.39 -6.00 -11.78
C THR A 275 17.37 -6.06 -10.65
N PHE A 276 17.34 -7.14 -9.89
CA PHE A 276 18.31 -7.31 -8.80
C PHE A 276 19.49 -8.14 -9.29
N PRO A 277 20.69 -7.60 -9.27
CA PRO A 277 21.85 -8.36 -9.71
C PRO A 277 21.98 -9.67 -8.94
N LYS A 278 22.59 -10.70 -9.46
CA LYS A 278 22.68 -12.01 -8.79
C LYS A 278 23.33 -11.98 -7.43
N ASP A 279 24.24 -11.02 -7.30
CA ASP A 279 24.97 -10.90 -6.05
C ASP A 279 24.42 -9.76 -5.21
N ALA A 280 23.22 -9.30 -5.50
CA ALA A 280 22.57 -8.35 -4.60
C ALA A 280 22.37 -8.97 -3.24
N PRO A 281 22.27 -8.18 -2.16
CA PRO A 281 21.93 -8.79 -0.87
C PRO A 281 20.55 -9.46 -0.96
N SER A 282 20.37 -10.47 -0.12
CA SER A 282 19.07 -11.05 0.08
C SER A 282 18.10 -10.02 0.65
N PRO A 283 16.81 -10.24 0.46
CA PRO A 283 15.82 -9.33 1.07
C PRO A 283 16.00 -9.27 2.58
N PHE A 284 15.79 -8.09 3.12
CA PHE A 284 15.85 -7.87 4.54
C PHE A 284 14.49 -8.09 5.18
N ILE A 285 14.52 -8.68 6.37
CA ILE A 285 13.28 -8.74 7.16
C ILE A 285 13.54 -7.95 8.41
N PHE A 286 12.93 -6.81 8.52
CA PHE A 286 13.18 -5.93 9.67
C PHE A 286 12.42 -6.40 10.90
N LYS A 287 13.06 -6.25 12.04
CA LYS A 287 12.40 -6.48 13.32
CA LYS A 287 12.38 -6.48 13.32
C LYS A 287 11.50 -5.29 13.62
N THR A 288 10.34 -5.58 14.24
CA THR A 288 9.53 -4.45 14.67
C THR A 288 10.13 -3.80 15.91
N LEU A 289 9.61 -2.60 16.25
CA LEU A 289 10.07 -2.03 17.52
C LEU A 289 9.76 -2.94 18.68
N GLU A 290 8.59 -3.58 18.67
CA GLU A 290 8.25 -4.47 19.77
C GLU A 290 9.20 -5.62 19.87
N GLU A 291 9.60 -6.20 18.73
CA GLU A 291 10.55 -7.28 18.78
C GLU A 291 11.92 -6.86 19.29
N GLN A 292 12.26 -5.60 19.11
CA GLN A 292 13.54 -5.07 19.57
C GLN A 292 13.47 -4.54 20.99
N GLY A 293 12.30 -4.55 21.58
CA GLY A 293 12.16 -3.98 22.93
C GLY A 293 12.29 -2.48 22.93
N LEU A 294 11.97 -1.84 21.82
CA LEU A 294 12.03 -0.44 21.51
CA LEU A 294 12.06 -0.41 21.70
C LEU A 294 10.68 0.25 21.65
FE HEC B . -6.67 2.02 -2.00
CHA HEC B . -7.39 4.43 0.28
CHB HEC B . -9.00 3.34 -4.11
CHC HEC B . -6.08 -0.50 -4.21
CHD HEC B . -4.24 0.80 0.04
NA HEC B . -7.95 3.54 -1.93
C1A HEC B . -8.03 4.52 -0.92
C2A HEC B . -8.99 5.51 -1.28
C3A HEC B . -9.42 5.19 -2.54
C4A HEC B . -8.81 3.99 -2.92
CMA HEC B . -10.47 5.94 -3.37
CAA HEC B . -9.33 6.72 -0.45
CBA HEC B . -8.23 7.80 -0.51
CGA HEC B . -8.67 8.95 0.37
O1A HEC B . -9.80 9.43 0.18
O2A HEC B . -7.85 9.39 1.22
NB HEC B . -7.42 1.51 -3.76
C1B HEC B . -8.42 2.14 -4.48
C2B HEC B . -8.67 1.41 -5.69
C3B HEC B . -7.84 0.38 -5.74
C4B HEC B . -7.09 0.38 -4.52
CMB HEC B . -9.60 1.97 -6.77
CAB HEC B . -7.78 -0.77 -6.70
CBB HEC B . -8.81 -1.11 -7.48
NC HEC B . -5.40 0.50 -2.09
C1C HEC B . -5.25 -0.41 -3.10
C2C HEC B . -4.15 -1.30 -2.82
C3C HEC B . -3.65 -0.95 -1.62
C4C HEC B . -4.41 0.19 -1.18
CMC HEC B . -3.71 -2.36 -3.79
CAC HEC B . -2.34 -1.35 -1.00
CBC HEC B . -1.93 -2.58 -1.01
ND HEC B . -5.98 2.53 -0.21
C1D HEC B . -5.01 1.85 0.54
C2D HEC B . -4.91 2.42 1.83
C3D HEC B . -5.82 3.40 1.94
C4D HEC B . -6.45 3.49 0.66
CMD HEC B . -4.01 1.83 2.91
CAD HEC B . -6.15 4.32 3.13
CBD HEC B . -5.36 5.63 3.08
CGD HEC B . -5.64 6.58 4.22
O1D HEC B . -5.10 7.71 4.16
O2D HEC B . -6.38 6.19 5.16
#